data_6VNY
#
_entry.id   6VNY
#
_cell.length_a   36.344
_cell.length_b   73.106
_cell.length_c   101.994
_cell.angle_alpha   90.000
_cell.angle_beta   90.000
_cell.angle_gamma   90.000
#
_symmetry.space_group_name_H-M   'P 21 21 21'
#
loop_
_entity.id
_entity.type
_entity.pdbx_description
1 polymer 'Non-receptor tyrosine-protein kinase TYK2'
2 non-polymer N-[(1S,5R)-3-(5-fluoro-2-{[1-(2-hydroxyethyl)-1H-pyrazol-4-yl]amino}pyrimidin-4-yl)-3-azabicyclo[3.1.0]hexan-1-yl]cyclopropanecarboxamide
3 water water
#
_entity_poly.entity_id   1
_entity_poly.type   'polypeptide(L)'
_entity_poly.pdbx_seq_one_letter_code
;MAHHHHHHHHHHGALEVLFQGPGDPTVFHKRYLKKIRDLGEGHFGKVSLYCYDPTNDGTGEMVAVKALKADAGPQHRSGW
KQEIDILRTLYHEHIIKYKGCCEDAGAASLQLVMEYVPLGSLRDYLPRHSIGLAQLLLFAQQICEGMAYLHSQHYIHRDL
AARNVLLDNDRLVKIGDFGLAKAVPEGHE(PTR)YRVREDGDSPVFWYAPECLKEYKFYYASDVWSFGVTLYELLTHCDS
SQSPPTKFLELIGIAQGQMTVLRLTELLERGERLPRPDKCPAEVYHLMKNCWETEASFRPTFENLIPILKTVHEKYQGQA
PS
;
_entity_poly.pdbx_strand_id   A
#
# COMPACT_ATOMS: atom_id res chain seq x y z
N PRO A 25 -3.22 7.39 -21.98
CA PRO A 25 -3.02 7.81 -23.38
C PRO A 25 -1.94 8.88 -23.59
N THR A 26 -1.79 9.81 -22.60
CA THR A 26 -0.85 10.93 -22.56
C THR A 26 0.59 10.46 -22.71
N VAL A 27 1.35 11.12 -23.59
CA VAL A 27 2.75 10.74 -23.80
C VAL A 27 3.66 11.85 -23.29
N PHE A 28 4.67 11.44 -22.52
CA PHE A 28 5.69 12.31 -21.99
C PHE A 28 6.90 12.17 -22.88
N HIS A 29 7.43 13.30 -23.33
CA HIS A 29 8.62 13.29 -24.16
C HIS A 29 9.79 13.28 -23.21
N LYS A 30 10.69 12.30 -23.36
CA LYS A 30 11.87 12.18 -22.51
C LYS A 30 12.78 13.43 -22.50
N ARG A 31 12.78 14.22 -23.62
CA ARG A 31 13.58 15.44 -23.78
C ARG A 31 13.33 16.55 -22.74
N TYR A 32 12.17 16.52 -22.08
CA TYR A 32 11.85 17.51 -21.05
C TYR A 32 11.95 16.99 -19.62
N LEU A 33 12.41 15.72 -19.44
CA LEU A 33 12.52 15.03 -18.15
C LEU A 33 13.89 15.19 -17.48
N LYS A 34 13.94 15.99 -16.40
CA LYS A 34 15.18 16.12 -15.62
C LYS A 34 14.95 15.44 -14.28
N LYS A 35 15.75 14.42 -13.96
CA LYS A 35 15.73 13.67 -12.71
C LYS A 35 16.19 14.53 -11.54
N ILE A 36 15.36 14.60 -10.49
CA ILE A 36 15.65 15.33 -9.26
C ILE A 36 16.21 14.36 -8.20
N ARG A 37 15.42 13.36 -7.77
CA ARG A 37 15.81 12.39 -6.75
C ARG A 37 15.05 11.06 -6.83
N ASP A 38 15.54 10.04 -6.13
CA ASP A 38 14.84 8.77 -6.00
C ASP A 38 13.75 8.90 -4.94
N LEU A 39 12.62 8.24 -5.18
CA LEU A 39 11.48 8.26 -4.25
C LEU A 39 11.22 6.90 -3.64
N GLY A 40 11.76 5.86 -4.26
CA GLY A 40 11.54 4.50 -3.79
C GLY A 40 12.00 3.47 -4.79
N GLU A 41 12.28 2.27 -4.29
CA GLU A 41 12.78 1.17 -5.07
C GLU A 41 12.34 -0.15 -4.44
N GLY A 42 12.03 -1.12 -5.28
CA GLY A 42 11.66 -2.46 -4.86
C GLY A 42 12.60 -3.45 -5.51
N HIS A 43 12.18 -4.71 -5.64
CA HIS A 43 13.06 -5.71 -6.26
C HIS A 43 13.13 -5.55 -7.79
N PHE A 44 12.03 -5.07 -8.45
CA PHE A 44 12.05 -4.94 -9.92
C PHE A 44 11.64 -3.57 -10.49
N GLY A 45 11.23 -2.66 -9.61
CA GLY A 45 10.80 -1.33 -10.01
C GLY A 45 11.48 -0.21 -9.25
N LYS A 46 11.42 0.99 -9.81
CA LYS A 46 12.00 2.18 -9.17
C LYS A 46 11.20 3.41 -9.48
N VAL A 47 10.95 4.23 -8.47
CA VAL A 47 10.25 5.50 -8.59
C VAL A 47 11.23 6.64 -8.29
N SER A 48 11.30 7.58 -9.21
CA SER A 48 12.12 8.77 -9.18
C SER A 48 11.28 9.99 -9.48
N LEU A 49 11.64 11.11 -8.83
CA LEU A 49 11.01 12.41 -9.04
C LEU A 49 11.72 13.08 -10.22
N TYR A 50 10.92 13.64 -11.16
CA TYR A 50 11.42 14.36 -12.32
C TYR A 50 10.74 15.68 -12.45
N CYS A 51 11.44 16.64 -13.10
CA CYS A 51 10.83 17.92 -13.46
C CYS A 51 10.50 17.77 -14.95
N TYR A 52 9.28 18.12 -15.31
CA TYR A 52 8.85 18.04 -16.70
C TYR A 52 8.60 19.46 -17.14
N ASP A 53 9.68 20.07 -17.70
CA ASP A 53 9.72 21.49 -18.07
C ASP A 53 9.94 21.76 -19.57
N PRO A 54 8.87 21.72 -20.40
CA PRO A 54 9.02 21.98 -21.84
C PRO A 54 9.19 23.47 -22.18
N THR A 55 10.29 24.05 -21.67
CA THR A 55 10.76 25.43 -21.77
C THR A 55 12.16 25.38 -21.14
N ASN A 56 12.22 25.77 -19.85
CA ASN A 56 13.30 25.90 -18.85
C ASN A 56 12.86 27.00 -17.89
N ASP A 57 11.65 27.57 -18.15
CA ASP A 57 11.00 28.62 -17.37
C ASP A 57 10.18 28.02 -16.19
N GLY A 58 9.30 28.82 -15.57
CA GLY A 58 8.51 28.39 -14.42
C GLY A 58 7.13 27.84 -14.68
N THR A 59 6.96 27.10 -15.78
CA THR A 59 5.68 26.45 -16.10
C THR A 59 5.80 24.94 -15.85
N GLY A 60 6.98 24.54 -15.36
CA GLY A 60 7.37 23.16 -15.09
C GLY A 60 6.56 22.42 -14.05
N GLU A 61 6.28 21.14 -14.37
CA GLU A 61 5.51 20.24 -13.51
C GLU A 61 6.42 19.22 -12.83
N MET A 62 6.06 18.83 -11.61
CA MET A 62 6.81 17.83 -10.86
C MET A 62 6.10 16.50 -11.00
N VAL A 63 6.81 15.49 -11.50
CA VAL A 63 6.23 14.16 -11.70
C VAL A 63 7.01 13.03 -11.06
N ALA A 64 6.26 12.00 -10.61
CA ALA A 64 6.79 10.74 -10.08
C ALA A 64 6.80 9.75 -11.26
N VAL A 65 7.96 9.18 -11.61
CA VAL A 65 8.09 8.24 -12.74
C VAL A 65 8.59 6.86 -12.27
N LYS A 66 7.75 5.83 -12.49
CA LYS A 66 8.04 4.43 -12.17
C LYS A 66 8.58 3.69 -13.40
N ALA A 67 9.71 3.03 -13.21
CA ALA A 67 10.36 2.26 -14.25
C ALA A 67 10.62 0.83 -13.78
N LEU A 68 10.51 -0.08 -14.73
CA LEU A 68 10.81 -1.48 -14.55
C LEU A 68 12.28 -1.64 -14.86
N LYS A 69 13.00 -2.37 -14.01
CA LYS A 69 14.42 -2.62 -14.22
C LYS A 69 14.61 -3.46 -15.51
N ALA A 70 15.57 -3.06 -16.36
CA ALA A 70 15.86 -3.67 -17.67
C ALA A 70 16.14 -5.19 -17.61
N ASP A 71 16.56 -5.72 -16.42
CA ASP A 71 16.88 -7.13 -16.12
C ASP A 71 15.67 -8.01 -15.79
N ALA A 72 14.50 -7.39 -15.48
CA ALA A 72 13.25 -8.09 -15.16
C ALA A 72 12.86 -9.09 -16.25
N GLY A 73 12.41 -10.27 -15.82
CA GLY A 73 12.02 -11.36 -16.70
C GLY A 73 10.67 -11.18 -17.38
N PRO A 74 10.24 -12.17 -18.20
CA PRO A 74 8.95 -12.05 -18.90
C PRO A 74 7.71 -11.99 -18.01
N GLN A 75 7.72 -12.67 -16.84
CA GLN A 75 6.61 -12.68 -15.90
C GLN A 75 6.42 -11.29 -15.28
N HIS A 76 7.53 -10.63 -14.87
CA HIS A 76 7.54 -9.27 -14.33
C HIS A 76 7.21 -8.24 -15.41
N ARG A 77 7.70 -8.46 -16.67
CA ARG A 77 7.46 -7.57 -17.82
C ARG A 77 6.01 -7.59 -18.25
N SER A 78 5.34 -8.76 -18.20
CA SER A 78 3.92 -8.85 -18.56
C SER A 78 3.07 -8.29 -17.40
N GLY A 79 3.54 -8.46 -16.16
CA GLY A 79 2.88 -7.92 -14.97
C GLY A 79 3.00 -6.41 -14.92
N TRP A 80 4.07 -5.85 -15.52
CA TRP A 80 4.29 -4.41 -15.61
C TRP A 80 3.25 -3.74 -16.50
N LYS A 81 2.96 -4.34 -17.67
CA LYS A 81 1.97 -3.82 -18.62
C LYS A 81 0.58 -3.86 -17.98
N GLN A 82 0.35 -4.87 -17.12
CA GLN A 82 -0.89 -5.06 -16.37
C GLN A 82 -1.03 -3.97 -15.29
N GLU A 83 0.09 -3.62 -14.61
CA GLU A 83 0.10 -2.58 -13.58
C GLU A 83 -0.32 -1.25 -14.19
N ILE A 84 0.35 -0.86 -15.32
CA ILE A 84 0.10 0.36 -16.08
C ILE A 84 -1.39 0.45 -16.48
N ASP A 85 -1.97 -0.66 -16.94
CA ASP A 85 -3.37 -0.76 -17.34
C ASP A 85 -4.31 -0.48 -16.16
N ILE A 86 -4.03 -1.10 -15.00
CA ILE A 86 -4.80 -0.91 -13.76
C ILE A 86 -4.84 0.59 -13.35
N LEU A 87 -3.68 1.29 -13.33
CA LEU A 87 -3.64 2.71 -12.98
C LEU A 87 -4.34 3.65 -14.00
N ARG A 88 -4.35 3.26 -15.30
CA ARG A 88 -5.02 4.01 -16.39
C ARG A 88 -6.53 4.07 -16.19
N THR A 89 -7.12 2.99 -15.63
CA THR A 89 -8.57 2.91 -15.35
C THR A 89 -8.98 3.31 -13.92
N LEU A 90 -8.02 3.41 -12.97
CA LEU A 90 -8.38 3.79 -11.61
C LEU A 90 -8.47 5.29 -11.38
N TYR A 91 -9.67 5.76 -11.06
CA TYR A 91 -9.85 7.19 -10.77
C TYR A 91 -10.65 7.39 -9.53
N HIS A 92 -9.98 7.87 -8.49
CA HIS A 92 -10.56 8.12 -7.17
C HIS A 92 -9.75 9.16 -6.47
N GLU A 93 -10.36 9.96 -5.58
CA GLU A 93 -9.67 10.99 -4.82
C GLU A 93 -8.54 10.46 -3.92
N HIS A 94 -8.64 9.19 -3.48
CA HIS A 94 -7.66 8.60 -2.57
C HIS A 94 -6.81 7.53 -3.24
N ILE A 95 -6.49 7.79 -4.52
CA ILE A 95 -5.65 6.94 -5.37
C ILE A 95 -4.76 7.87 -6.19
N ILE A 96 -3.44 7.57 -6.25
CA ILE A 96 -2.47 8.37 -7.00
C ILE A 96 -2.96 8.63 -8.46
N LYS A 97 -2.78 9.88 -8.94
CA LYS A 97 -3.17 10.27 -10.29
C LYS A 97 -2.19 9.76 -11.34
N TYR A 98 -2.75 9.09 -12.34
CA TYR A 98 -2.00 8.66 -13.49
C TYR A 98 -1.79 9.92 -14.34
N LYS A 99 -0.57 10.16 -14.83
CA LYS A 99 -0.30 11.35 -15.64
C LYS A 99 -0.15 10.99 -17.13
N GLY A 100 0.66 9.98 -17.41
CA GLY A 100 0.90 9.48 -18.74
C GLY A 100 1.91 8.36 -18.76
N CYS A 101 2.46 8.08 -19.93
CA CYS A 101 3.49 7.07 -20.15
C CYS A 101 4.52 7.67 -21.05
N CYS A 102 5.72 7.10 -21.05
CA CYS A 102 6.78 7.49 -21.96
C CYS A 102 7.61 6.27 -22.29
N GLU A 103 8.20 6.25 -23.50
CA GLU A 103 9.02 5.13 -23.94
C GLU A 103 10.28 5.07 -23.11
N ASP A 104 10.49 3.92 -22.48
CA ASP A 104 11.67 3.68 -21.68
C ASP A 104 12.54 2.85 -22.59
N ALA A 105 13.33 3.54 -23.44
CA ALA A 105 14.19 2.93 -24.45
C ALA A 105 15.30 2.08 -23.89
N GLY A 106 15.83 2.48 -22.73
CA GLY A 106 16.90 1.77 -22.03
C GLY A 106 16.43 0.48 -21.37
N ALA A 107 15.15 0.43 -21.01
CA ALA A 107 14.53 -0.74 -20.39
C ALA A 107 13.63 -1.48 -21.38
N ALA A 108 13.45 -0.92 -22.59
CA ALA A 108 12.63 -1.44 -23.70
C ALA A 108 11.18 -1.82 -23.31
N SER A 109 10.56 -0.94 -22.54
CA SER A 109 9.18 -1.04 -22.10
C SER A 109 8.64 0.40 -21.97
N LEU A 110 7.72 0.62 -21.05
CA LEU A 110 7.19 1.95 -20.81
C LEU A 110 7.53 2.36 -19.39
N GLN A 111 7.48 3.66 -19.16
CA GLN A 111 7.68 4.24 -17.85
C GLN A 111 6.36 4.78 -17.44
N LEU A 112 5.95 4.50 -16.21
CA LEU A 112 4.69 4.98 -15.68
C LEU A 112 4.90 6.36 -15.04
N VAL A 113 4.19 7.36 -15.54
CA VAL A 113 4.28 8.74 -15.08
C VAL A 113 3.04 9.04 -14.25
N MET A 114 3.29 9.47 -13.01
CA MET A 114 2.22 9.78 -12.06
C MET A 114 2.45 11.15 -11.45
N GLU A 115 1.45 11.64 -10.74
CA GLU A 115 1.60 12.90 -10.02
C GLU A 115 2.63 12.71 -8.87
N TYR A 116 3.33 13.79 -8.53
CA TYR A 116 4.26 13.82 -7.42
C TYR A 116 3.45 14.14 -6.17
N VAL A 117 3.40 13.22 -5.19
CA VAL A 117 2.68 13.41 -3.93
C VAL A 117 3.71 14.05 -2.99
N PRO A 118 3.53 15.37 -2.69
CA PRO A 118 4.60 16.13 -2.01
C PRO A 118 5.18 15.66 -0.68
N LEU A 119 4.35 15.12 0.23
CA LEU A 119 4.85 14.74 1.56
C LEU A 119 5.37 13.32 1.78
N GLY A 120 5.39 12.50 0.70
CA GLY A 120 5.89 11.13 0.76
C GLY A 120 5.01 10.13 1.46
N SER A 121 5.57 8.95 1.74
CA SER A 121 4.79 7.91 2.41
C SER A 121 4.64 8.17 3.89
N LEU A 122 3.60 7.58 4.50
CA LEU A 122 3.36 7.66 5.93
C LEU A 122 4.51 6.96 6.69
N ARG A 123 5.09 5.92 6.08
CA ARG A 123 6.24 5.21 6.63
C ARG A 123 7.41 6.16 6.89
N ASP A 124 7.69 7.08 5.95
CA ASP A 124 8.75 8.07 6.12
C ASP A 124 8.28 9.32 6.85
N TYR A 125 7.01 9.70 6.68
CA TYR A 125 6.46 10.90 7.31
C TYR A 125 6.20 10.80 8.81
N LEU A 126 5.47 9.76 9.25
CA LEU A 126 5.06 9.58 10.65
C LEU A 126 6.18 9.50 11.70
N PRO A 127 7.36 8.85 11.48
CA PRO A 127 8.38 8.87 12.55
C PRO A 127 8.96 10.25 12.88
N ARG A 128 8.69 11.26 12.02
CA ARG A 128 9.24 12.61 12.16
C ARG A 128 8.19 13.69 12.49
N HIS A 129 6.92 13.38 12.33
CA HIS A 129 5.88 14.37 12.63
C HIS A 129 4.86 13.77 13.54
N SER A 130 4.82 14.20 14.81
CA SER A 130 3.81 13.71 15.77
C SER A 130 2.45 14.24 15.32
N ILE A 131 1.61 13.30 14.90
CA ILE A 131 0.28 13.56 14.36
C ILE A 131 -0.73 13.07 15.38
N GLY A 132 -1.83 13.81 15.51
CA GLY A 132 -2.91 13.45 16.41
C GLY A 132 -3.69 12.23 15.95
N LEU A 133 -4.35 11.56 16.91
CA LEU A 133 -5.20 10.39 16.70
C LEU A 133 -6.26 10.62 15.62
N ALA A 134 -6.98 11.76 15.71
CA ALA A 134 -8.03 12.18 14.78
C ALA A 134 -7.55 12.24 13.33
N GLN A 135 -6.35 12.80 13.09
CA GLN A 135 -5.75 12.85 11.75
C GLN A 135 -5.41 11.45 11.25
N LEU A 136 -4.90 10.57 12.11
CA LEU A 136 -4.60 9.16 11.75
C LEU A 136 -5.89 8.40 11.36
N LEU A 137 -6.98 8.63 12.11
CA LEU A 137 -8.26 7.96 11.84
C LEU A 137 -8.87 8.41 10.53
N LEU A 138 -8.65 9.70 10.17
CA LEU A 138 -9.07 10.32 8.91
C LEU A 138 -8.31 9.65 7.77
N PHE A 139 -7.00 9.43 7.95
CA PHE A 139 -6.15 8.73 6.99
C PHE A 139 -6.68 7.31 6.81
N ALA A 140 -6.98 6.64 7.93
CA ALA A 140 -7.53 5.27 7.97
C ALA A 140 -8.79 5.16 7.14
N GLN A 141 -9.72 6.11 7.31
CA GLN A 141 -10.98 6.23 6.57
C GLN A 141 -10.72 6.41 5.05
N GLN A 142 -9.76 7.27 4.70
CA GLN A 142 -9.39 7.57 3.30
C GLN A 142 -8.77 6.38 2.61
N ILE A 143 -8.00 5.57 3.34
CA ILE A 143 -7.45 4.33 2.81
C ILE A 143 -8.64 3.39 2.47
N CYS A 144 -9.63 3.29 3.37
CA CYS A 144 -10.83 2.44 3.16
C CYS A 144 -11.66 2.82 1.95
N GLU A 145 -11.92 4.12 1.77
CA GLU A 145 -12.62 4.69 0.63
C GLU A 145 -11.90 4.29 -0.66
N GLY A 146 -10.59 4.49 -0.69
CA GLY A 146 -9.73 4.12 -1.82
C GLY A 146 -9.74 2.62 -2.08
N MET A 147 -9.76 1.83 -1.01
CA MET A 147 -9.77 0.37 -1.10
C MET A 147 -11.15 -0.18 -1.51
N ALA A 148 -12.26 0.39 -0.98
CA ALA A 148 -13.61 -0.05 -1.33
C ALA A 148 -13.79 0.23 -2.80
N TYR A 149 -13.29 1.37 -3.26
CA TYR A 149 -13.33 1.72 -4.68
C TYR A 149 -12.55 0.68 -5.52
N LEU A 150 -11.31 0.34 -5.09
CA LEU A 150 -10.49 -0.67 -5.75
C LEU A 150 -11.21 -2.02 -5.86
N HIS A 151 -11.83 -2.48 -4.75
CA HIS A 151 -12.61 -3.71 -4.69
C HIS A 151 -13.87 -3.68 -5.57
N SER A 152 -14.51 -2.52 -5.74
CA SER A 152 -15.70 -2.39 -6.61
C SER A 152 -15.31 -2.53 -8.08
N GLN A 153 -14.02 -2.26 -8.42
CA GLN A 153 -13.47 -2.36 -9.76
C GLN A 153 -12.95 -3.76 -9.99
N HIS A 154 -13.18 -4.64 -9.00
CA HIS A 154 -12.80 -6.05 -8.99
C HIS A 154 -11.28 -6.31 -8.96
N TYR A 155 -10.56 -5.47 -8.20
CA TYR A 155 -9.11 -5.61 -8.02
C TYR A 155 -8.77 -5.88 -6.57
N ILE A 156 -7.69 -6.67 -6.34
CA ILE A 156 -7.13 -6.90 -5.02
C ILE A 156 -5.80 -6.18 -5.00
N HIS A 157 -5.46 -5.51 -3.87
CA HIS A 157 -4.23 -4.71 -3.78
C HIS A 157 -2.96 -5.55 -3.57
N ARG A 158 -3.00 -6.45 -2.57
CA ARG A 158 -1.93 -7.38 -2.21
C ARG A 158 -0.71 -6.76 -1.53
N ASP A 159 -0.64 -5.44 -1.44
CA ASP A 159 0.52 -4.79 -0.84
C ASP A 159 0.15 -3.56 -0.02
N LEU A 160 -0.99 -3.63 0.68
CA LEU A 160 -1.42 -2.48 1.47
C LEU A 160 -0.60 -2.37 2.75
N ALA A 161 0.25 -1.33 2.80
CA ALA A 161 1.14 -1.04 3.95
C ALA A 161 1.33 0.46 3.97
N ALA A 162 1.81 1.02 5.09
CA ALA A 162 2.05 2.47 5.24
C ALA A 162 3.06 3.03 4.20
N ARG A 163 3.98 2.18 3.69
CA ARG A 163 4.97 2.55 2.67
C ARG A 163 4.30 2.90 1.33
N ASN A 164 3.07 2.39 1.11
CA ASN A 164 2.33 2.64 -0.14
C ASN A 164 1.22 3.69 0.03
N VAL A 165 1.15 4.34 1.20
CA VAL A 165 0.16 5.37 1.49
C VAL A 165 0.90 6.69 1.46
N LEU A 166 0.56 7.52 0.47
CA LEU A 166 1.22 8.82 0.26
C LEU A 166 0.41 10.01 0.79
N LEU A 167 1.10 10.97 1.44
CA LEU A 167 0.52 12.17 2.07
C LEU A 167 0.60 13.38 1.12
N ASP A 168 -0.55 13.93 0.74
CA ASP A 168 -0.56 15.10 -0.15
C ASP A 168 -0.51 16.36 0.68
N ASN A 169 -1.32 16.39 1.74
CA ASN A 169 -1.36 17.44 2.76
C ASN A 169 -1.88 16.79 4.04
N ASP A 170 -1.82 17.51 5.19
CA ASP A 170 -2.31 17.04 6.51
C ASP A 170 -3.77 16.49 6.57
N ARG A 171 -4.54 16.62 5.47
CA ARG A 171 -5.91 16.10 5.38
C ARG A 171 -6.17 15.20 4.16
N LEU A 172 -5.13 14.86 3.38
CA LEU A 172 -5.33 14.05 2.16
C LEU A 172 -4.28 12.98 1.98
N VAL A 173 -4.74 11.74 1.95
CA VAL A 173 -3.88 10.60 1.76
C VAL A 173 -4.26 9.81 0.50
N LYS A 174 -3.28 9.18 -0.16
CA LYS A 174 -3.55 8.41 -1.39
C LYS A 174 -2.86 7.07 -1.42
N ILE A 175 -3.53 6.04 -1.98
CA ILE A 175 -2.84 4.78 -2.22
C ILE A 175 -1.91 5.07 -3.45
N GLY A 176 -0.62 4.94 -3.26
CA GLY A 176 0.35 5.36 -4.26
C GLY A 176 1.14 4.33 -5.05
N ASP A 177 0.85 3.06 -4.86
CA ASP A 177 1.55 2.03 -5.60
C ASP A 177 0.60 0.87 -5.83
N PHE A 178 0.68 0.24 -7.03
CA PHE A 178 -0.17 -0.90 -7.41
C PHE A 178 0.63 -2.05 -8.04
N GLY A 179 1.91 -2.20 -7.63
CA GLY A 179 2.85 -3.23 -8.09
C GLY A 179 2.36 -4.67 -8.01
N LEU A 180 1.56 -5.01 -6.99
CA LEU A 180 1.05 -6.37 -6.80
C LEU A 180 -0.44 -6.53 -7.14
N ALA A 181 -1.14 -5.42 -7.44
CA ALA A 181 -2.57 -5.47 -7.75
C ALA A 181 -2.97 -6.45 -8.89
N LYS A 182 -4.05 -7.21 -8.66
CA LYS A 182 -4.56 -8.20 -9.58
C LYS A 182 -6.08 -8.08 -9.72
N ALA A 183 -6.60 -8.40 -10.91
CA ALA A 183 -8.04 -8.45 -11.16
C ALA A 183 -8.51 -9.81 -10.63
N VAL A 184 -9.64 -9.83 -9.88
CA VAL A 184 -10.18 -11.07 -9.32
C VAL A 184 -10.96 -11.78 -10.47
N PRO A 185 -10.58 -13.05 -10.82
CA PRO A 185 -11.30 -13.78 -11.89
C PRO A 185 -12.83 -13.83 -11.71
N GLU A 186 -13.58 -13.57 -12.80
CA GLU A 186 -15.06 -13.48 -12.87
C GLU A 186 -15.93 -14.50 -12.10
N GLY A 187 -15.60 -15.78 -12.17
CA GLY A 187 -16.36 -16.80 -11.44
C GLY A 187 -15.66 -17.29 -10.19
N HIS A 188 -14.90 -16.38 -9.53
CA HIS A 188 -14.10 -16.70 -8.35
C HIS A 188 -14.13 -15.60 -7.31
N GLU A 189 -13.88 -15.99 -6.05
CA GLU A 189 -13.86 -15.09 -4.90
C GLU A 189 -12.43 -14.74 -4.44
N TYR A 191 -7.87 -14.81 -5.73
CA TYR A 191 -6.80 -14.94 -6.70
C TYR A 191 -5.77 -15.90 -6.09
N ARG A 192 -5.29 -16.87 -6.86
CA ARG A 192 -4.35 -17.88 -6.37
C ARG A 192 -2.95 -17.34 -6.18
N ASP A 196 6.72 -16.46 -3.14
CA ASP A 196 7.75 -15.51 -3.54
C ASP A 196 8.44 -14.82 -2.35
N GLY A 197 9.76 -14.65 -2.46
CA GLY A 197 10.58 -14.01 -1.42
C GLY A 197 10.34 -12.53 -1.24
N ASP A 198 9.70 -11.88 -2.22
CA ASP A 198 9.35 -10.46 -2.21
C ASP A 198 7.91 -10.25 -1.68
N SER A 199 7.21 -11.32 -1.26
CA SER A 199 5.83 -11.22 -0.78
C SER A 199 5.76 -10.56 0.62
N PRO A 200 4.86 -9.57 0.84
CA PRO A 200 4.83 -8.88 2.15
C PRO A 200 4.10 -9.70 3.21
N VAL A 201 4.69 -10.84 3.58
CA VAL A 201 4.21 -11.84 4.54
C VAL A 201 3.81 -11.31 5.92
N PHE A 202 4.49 -10.26 6.41
CA PHE A 202 4.14 -9.69 7.71
C PHE A 202 2.88 -8.79 7.71
N TRP A 203 2.23 -8.65 6.53
CA TRP A 203 0.97 -7.88 6.30
C TRP A 203 -0.10 -8.86 5.75
N TYR A 204 0.21 -10.18 5.73
CA TYR A 204 -0.63 -11.22 5.13
C TYR A 204 -1.50 -12.06 6.05
N ALA A 205 -2.73 -12.27 5.61
CA ALA A 205 -3.73 -13.07 6.30
C ALA A 205 -3.30 -14.56 6.27
N PRO A 206 -3.73 -15.45 7.22
CA PRO A 206 -3.25 -16.85 7.16
C PRO A 206 -3.62 -17.59 5.89
N GLU A 207 -4.76 -17.26 5.27
CA GLU A 207 -5.22 -17.89 4.02
C GLU A 207 -4.30 -17.64 2.84
N CYS A 208 -3.57 -16.53 2.85
CA CYS A 208 -2.59 -16.20 1.80
C CYS A 208 -1.33 -17.05 2.01
N LEU A 209 -0.81 -17.09 3.24
CA LEU A 209 0.38 -17.83 3.67
C LEU A 209 0.23 -19.37 3.57
N LYS A 210 -0.95 -19.88 3.94
CA LYS A 210 -1.29 -21.29 4.00
C LYS A 210 -1.89 -21.88 2.72
N GLU A 211 -3.06 -21.36 2.29
CA GLU A 211 -3.84 -21.84 1.14
C GLU A 211 -3.43 -21.22 -0.17
N TYR A 212 -2.59 -20.17 -0.12
CA TYR A 212 -2.12 -19.40 -1.28
C TYR A 212 -3.28 -18.73 -2.03
N LYS A 213 -4.32 -18.32 -1.30
CA LYS A 213 -5.50 -17.68 -1.89
C LYS A 213 -5.65 -16.25 -1.34
N PHE A 214 -5.76 -15.26 -2.22
CA PHE A 214 -5.93 -13.87 -1.82
C PHE A 214 -7.36 -13.46 -2.13
N TYR A 215 -8.14 -13.16 -1.09
CA TYR A 215 -9.54 -12.70 -1.18
C TYR A 215 -9.59 -11.19 -0.99
N TYR A 216 -10.77 -10.58 -1.12
CA TYR A 216 -10.99 -9.17 -0.84
C TYR A 216 -10.73 -8.95 0.64
N ALA A 217 -11.15 -9.92 1.49
CA ALA A 217 -10.95 -9.99 2.95
C ALA A 217 -9.45 -10.02 3.33
N SER A 218 -8.58 -10.56 2.44
CA SER A 218 -7.13 -10.59 2.63
C SER A 218 -6.56 -9.19 2.62
N ASP A 219 -7.09 -8.30 1.76
CA ASP A 219 -6.70 -6.88 1.81
C ASP A 219 -7.12 -6.20 3.12
N VAL A 220 -8.26 -6.62 3.71
CA VAL A 220 -8.80 -6.05 4.98
C VAL A 220 -7.89 -6.38 6.15
N TRP A 221 -7.32 -7.60 6.16
CA TRP A 221 -6.30 -8.00 7.12
C TRP A 221 -5.12 -7.02 7.03
N SER A 222 -4.59 -6.82 5.81
CA SER A 222 -3.46 -5.90 5.51
C SER A 222 -3.76 -4.47 5.98
N PHE A 223 -5.03 -3.99 5.81
CA PHE A 223 -5.48 -2.69 6.29
C PHE A 223 -5.28 -2.59 7.80
N GLY A 224 -5.67 -3.65 8.53
CA GLY A 224 -5.51 -3.74 9.99
C GLY A 224 -4.05 -3.63 10.38
N VAL A 225 -3.16 -4.20 9.54
CA VAL A 225 -1.72 -4.09 9.78
C VAL A 225 -1.30 -2.65 9.51
N THR A 226 -1.82 -2.01 8.43
CA THR A 226 -1.52 -0.60 8.07
C THR A 226 -2.04 0.36 9.17
N LEU A 227 -3.21 0.06 9.72
CA LEU A 227 -3.79 0.86 10.79
C LEU A 227 -2.89 0.77 12.03
N TYR A 228 -2.43 -0.48 12.37
CA TYR A 228 -1.45 -0.73 13.44
C TYR A 228 -0.20 0.20 13.25
N GLU A 229 0.37 0.24 12.00
CA GLU A 229 1.54 1.08 11.64
C GLU A 229 1.30 2.56 11.94
N LEU A 230 0.12 3.06 11.51
CA LEU A 230 -0.29 4.45 11.74
C LEU A 230 -0.33 4.80 13.22
N LEU A 231 -0.95 3.94 14.03
CA LEU A 231 -1.08 4.10 15.48
C LEU A 231 0.24 4.00 16.23
N THR A 232 1.29 3.39 15.60
CA THR A 232 2.67 3.29 16.13
C THR A 232 3.54 4.39 15.50
N HIS A 233 2.95 5.29 14.67
CA HIS A 233 3.65 6.40 13.96
C HIS A 233 4.81 5.84 13.13
N CYS A 234 4.60 4.65 12.55
CA CYS A 234 5.58 3.89 11.78
C CYS A 234 6.95 3.75 12.45
N ASP A 235 6.97 3.57 13.79
CA ASP A 235 8.21 3.36 14.54
C ASP A 235 8.77 2.02 14.13
N SER A 236 10.02 1.99 13.67
CA SER A 236 10.72 0.78 13.18
C SER A 236 10.84 -0.33 14.20
N SER A 237 11.02 0.02 15.50
CA SER A 237 11.12 -0.95 16.62
C SER A 237 9.76 -1.58 16.98
N GLN A 238 8.67 -0.99 16.47
CA GLN A 238 7.30 -1.50 16.68
C GLN A 238 6.76 -2.08 15.36
N SER A 239 7.57 -2.15 14.32
CA SER A 239 7.07 -2.58 13.02
C SER A 239 6.63 -4.04 12.93
N PRO A 240 5.65 -4.41 12.04
CA PRO A 240 5.24 -5.82 11.95
C PRO A 240 6.43 -6.79 11.77
N PRO A 241 7.43 -6.58 10.87
CA PRO A 241 8.56 -7.54 10.82
C PRO A 241 9.33 -7.59 12.15
N THR A 242 9.62 -6.43 12.78
CA THR A 242 10.33 -6.44 14.06
C THR A 242 9.58 -7.21 15.13
N LYS A 243 8.30 -6.88 15.31
CA LYS A 243 7.43 -7.50 16.29
C LYS A 243 7.17 -8.99 16.06
N PHE A 244 6.86 -9.38 14.81
CA PHE A 244 6.66 -10.79 14.46
C PHE A 244 7.96 -11.59 14.52
N LEU A 245 9.12 -10.99 14.18
CA LEU A 245 10.38 -11.71 14.27
C LEU A 245 10.88 -11.92 15.71
N GLU A 246 10.46 -11.06 16.66
CA GLU A 246 10.72 -11.22 18.09
C GLU A 246 9.91 -12.42 18.67
N LEU A 247 8.72 -12.70 18.12
CA LEU A 247 7.83 -13.81 18.53
C LEU A 247 8.23 -15.15 17.90
N ILE A 248 8.76 -15.12 16.69
CA ILE A 248 9.17 -16.32 15.99
C ILE A 248 10.62 -16.67 16.36
N GLY A 249 11.48 -15.66 16.49
CA GLY A 249 12.92 -15.84 16.70
C GLY A 249 13.64 -15.83 15.36
N ILE A 250 14.96 -15.76 15.37
CA ILE A 250 15.71 -15.67 14.10
C ILE A 250 16.52 -16.89 13.67
N ALA A 251 16.53 -17.95 14.47
CA ALA A 251 17.28 -19.18 14.14
C ALA A 251 16.31 -20.27 13.66
N GLN A 252 15.39 -19.93 12.75
CA GLN A 252 14.34 -20.85 12.30
C GLN A 252 14.49 -21.47 10.93
N GLY A 253 15.67 -21.35 10.30
CA GLY A 253 15.88 -21.87 8.94
C GLY A 253 14.88 -21.29 7.94
N GLN A 254 14.39 -22.14 7.04
CA GLN A 254 13.37 -21.74 6.07
C GLN A 254 11.95 -21.67 6.73
N MET A 255 11.87 -21.65 8.09
CA MET A 255 10.58 -21.70 8.79
C MET A 255 9.91 -20.46 9.30
N THR A 256 10.35 -19.29 8.88
CA THR A 256 9.72 -18.04 9.31
C THR A 256 8.23 -18.01 8.98
N VAL A 257 7.88 -18.26 7.71
CA VAL A 257 6.49 -18.23 7.25
C VAL A 257 5.67 -19.30 7.94
N LEU A 258 6.24 -20.50 8.11
CA LEU A 258 5.57 -21.60 8.80
C LEU A 258 5.26 -21.27 10.24
N ARG A 259 6.24 -20.71 10.97
CA ARG A 259 6.09 -20.29 12.35
C ARG A 259 5.15 -19.09 12.52
N LEU A 260 5.07 -18.21 11.50
CA LEU A 260 4.19 -17.05 11.50
C LEU A 260 2.74 -17.54 11.36
N THR A 261 2.50 -18.49 10.42
CA THR A 261 1.20 -19.11 10.17
C THR A 261 0.61 -19.72 11.47
N GLU A 262 1.47 -20.34 12.31
CA GLU A 262 1.02 -20.97 13.55
C GLU A 262 0.81 -20.06 14.76
N LEU A 263 1.55 -18.95 14.89
CA LEU A 263 1.28 -18.01 15.98
C LEU A 263 -0.06 -17.28 15.67
N LEU A 264 -0.33 -17.02 14.37
CA LEU A 264 -1.55 -16.36 13.91
C LEU A 264 -2.73 -17.31 14.12
N GLU A 265 -2.50 -18.63 13.93
CA GLU A 265 -3.53 -19.62 14.17
C GLU A 265 -3.83 -19.88 15.65
N ARG A 266 -2.88 -19.58 16.56
CA ARG A 266 -3.10 -19.64 18.02
C ARG A 266 -3.73 -18.31 18.53
N GLY A 267 -4.12 -17.41 17.62
CA GLY A 267 -4.73 -16.12 17.96
C GLY A 267 -3.78 -15.03 18.44
N GLU A 268 -2.45 -15.25 18.31
CA GLU A 268 -1.46 -14.24 18.67
C GLU A 268 -1.49 -13.14 17.63
N ARG A 269 -1.36 -11.90 18.08
CA ARG A 269 -1.49 -10.75 17.21
C ARG A 269 -0.52 -9.70 17.62
N LEU A 270 -0.35 -8.69 16.75
CA LEU A 270 0.46 -7.51 16.98
C LEU A 270 -0.12 -6.80 18.22
N PRO A 271 0.73 -6.27 19.12
CA PRO A 271 0.19 -5.66 20.37
C PRO A 271 -0.63 -4.41 20.15
N ARG A 272 -1.23 -3.92 21.22
CA ARG A 272 -1.99 -2.70 21.18
C ARG A 272 -0.96 -1.56 21.23
N PRO A 273 -0.96 -0.66 20.22
CA PRO A 273 0.02 0.42 20.25
C PRO A 273 -0.30 1.38 21.40
N ASP A 274 0.76 1.83 22.08
CA ASP A 274 0.74 2.81 23.14
C ASP A 274 0.00 4.02 22.58
N LYS A 275 -1.02 4.51 23.33
CA LYS A 275 -1.90 5.63 22.98
C LYS A 275 -3.04 5.27 21.99
N CYS A 276 -3.24 3.96 21.71
CA CYS A 276 -4.32 3.50 20.83
C CYS A 276 -5.57 3.22 21.69
N PRO A 277 -6.73 3.85 21.37
CA PRO A 277 -7.95 3.54 22.12
C PRO A 277 -8.33 2.08 21.95
N ALA A 278 -8.96 1.49 22.99
CA ALA A 278 -9.46 0.11 23.04
C ALA A 278 -10.36 -0.18 21.84
N GLU A 279 -11.28 0.73 21.50
CA GLU A 279 -12.23 0.61 20.38
C GLU A 279 -11.56 0.43 19.01
N VAL A 280 -10.54 1.26 18.70
CA VAL A 280 -9.74 1.21 17.48
C VAL A 280 -8.92 -0.08 17.51
N TYR A 281 -8.35 -0.47 18.66
CA TYR A 281 -7.63 -1.75 18.76
C TYR A 281 -8.56 -2.95 18.49
N HIS A 282 -9.84 -2.90 18.98
CA HIS A 282 -10.84 -3.96 18.73
C HIS A 282 -11.14 -4.08 17.25
N LEU A 283 -11.19 -2.92 16.57
CA LEU A 283 -11.41 -2.79 15.14
C LEU A 283 -10.26 -3.47 14.37
N MET A 284 -8.98 -3.24 14.78
CA MET A 284 -7.79 -3.87 14.20
C MET A 284 -7.93 -5.38 14.34
N LYS A 285 -8.29 -5.84 15.55
CA LYS A 285 -8.52 -7.27 15.85
C LYS A 285 -9.63 -7.87 14.98
N ASN A 286 -10.62 -7.06 14.57
CA ASN A 286 -11.74 -7.51 13.73
C ASN A 286 -11.25 -7.64 12.29
N CYS A 287 -10.28 -6.83 11.89
CA CYS A 287 -9.66 -6.95 10.57
C CYS A 287 -8.75 -8.17 10.54
N TRP A 288 -8.25 -8.55 11.73
CA TRP A 288 -7.41 -9.72 11.93
C TRP A 288 -8.13 -11.02 12.33
N GLU A 289 -9.42 -11.18 11.98
CA GLU A 289 -10.11 -12.43 12.25
C GLU A 289 -9.47 -13.54 11.41
N THR A 290 -9.18 -14.69 12.02
CA THR A 290 -8.61 -15.86 11.31
C THR A 290 -9.59 -16.30 10.22
N GLU A 291 -10.89 -16.29 10.54
CA GLU A 291 -11.96 -16.62 9.61
C GLU A 291 -12.22 -15.38 8.75
N ALA A 292 -11.74 -15.41 7.48
CA ALA A 292 -11.85 -14.29 6.54
C ALA A 292 -13.27 -13.76 6.40
N SER A 293 -14.29 -14.63 6.51
CA SER A 293 -15.71 -14.25 6.41
C SER A 293 -16.17 -13.39 7.60
N PHE A 294 -15.45 -13.45 8.74
CA PHE A 294 -15.80 -12.66 9.93
C PHE A 294 -15.21 -11.25 9.91
N ARG A 295 -14.37 -10.97 8.90
CA ARG A 295 -13.74 -9.66 8.73
C ARG A 295 -14.74 -8.70 8.04
N PRO A 296 -14.82 -7.42 8.47
CA PRO A 296 -15.67 -6.48 7.75
C PRO A 296 -15.12 -6.23 6.34
N THR A 297 -15.96 -5.72 5.45
CA THR A 297 -15.49 -5.35 4.12
C THR A 297 -14.96 -3.91 4.26
N PHE A 298 -14.37 -3.33 3.22
CA PHE A 298 -13.98 -1.91 3.30
C PHE A 298 -15.25 -1.00 3.29
N GLU A 299 -16.37 -1.46 2.68
CA GLU A 299 -17.64 -0.69 2.70
C GLU A 299 -18.17 -0.57 4.12
N ASN A 300 -18.11 -1.65 4.95
CA ASN A 300 -18.55 -1.70 6.36
C ASN A 300 -17.68 -0.83 7.22
N LEU A 301 -16.40 -0.67 6.85
CA LEU A 301 -15.42 0.10 7.61
C LEU A 301 -15.59 1.60 7.48
N ILE A 302 -16.02 2.08 6.29
CA ILE A 302 -16.23 3.52 6.02
C ILE A 302 -17.15 4.22 7.05
N PRO A 303 -18.46 3.84 7.25
CA PRO A 303 -19.30 4.55 8.25
C PRO A 303 -18.80 4.45 9.69
N ILE A 304 -18.10 3.35 10.02
CA ILE A 304 -17.53 3.09 11.33
C ILE A 304 -16.36 4.05 11.57
N LEU A 305 -15.44 4.17 10.58
CA LEU A 305 -14.30 5.08 10.69
C LEU A 305 -14.72 6.55 10.73
N LYS A 306 -15.74 6.95 9.90
CA LYS A 306 -16.35 8.28 9.87
C LYS A 306 -16.77 8.66 11.29
N THR A 307 -17.49 7.75 11.95
CA THR A 307 -18.01 7.89 13.31
C THR A 307 -16.91 7.95 14.36
N VAL A 308 -15.89 7.06 14.28
CA VAL A 308 -14.82 7.11 15.29
C VAL A 308 -13.97 8.40 15.14
N HIS A 309 -13.78 8.86 13.89
CA HIS A 309 -13.02 10.07 13.60
C HIS A 309 -13.74 11.31 14.15
N GLU A 310 -15.05 11.47 13.84
CA GLU A 310 -15.88 12.60 14.33
C GLU A 310 -15.78 12.72 15.83
N LYS A 311 -15.76 11.58 16.53
CA LYS A 311 -15.61 11.48 17.97
C LYS A 311 -14.29 12.11 18.42
N TYR A 312 -13.16 11.60 17.90
CA TYR A 312 -11.84 12.09 18.30
C TYR A 312 -11.45 13.47 17.79
N GLN A 313 -12.15 13.96 16.76
CA GLN A 313 -11.94 15.27 16.14
C GLN A 313 -12.49 16.39 17.06
N GLY A 314 -13.44 16.04 17.93
CA GLY A 314 -14.07 16.95 18.90
C GLY A 314 -13.70 16.59 20.36
#